data_4G2U
#
_entry.id   4G2U
#
_cell.length_a   75.178
_cell.length_b   76.291
_cell.length_c   81.529
_cell.angle_alpha   90.00
_cell.angle_beta   90.00
_cell.angle_gamma   90.00
#
_symmetry.space_group_name_H-M   'P 21 21 21'
#
loop_
_entity.id
_entity.type
_entity.pdbx_description
1 polymer 'Ancylostoma-secreted protein-like protein'
2 non-polymer 'SULFATE ION'
3 non-polymer 2-acetamido-2-deoxy-beta-D-glucopyranose
4 water water
#
_entity_poly.entity_id   1
_entity_poly.type   'polypeptide(L)'
_entity_poly.pdbx_seq_one_letter_code
;EAEAGFCCPADLNQTDEARKIFLDFHNQVRRDIAGASPLLNLTGAVQMRNVLGPAKNMYRMDWDCNLEAKAKAMIWPCTT
PLPIDTSIPQNLAQWLLFQNSQENEVLTQTPWSWVTASLRNLQPDTEANIYNWQIRPLSNIANWQNLKVGCAHKVCKFPT
GTNMVVSCAYGGEVLQDNEVVWDKGPTCMCNAYPNSFCCNNLCDTIAAATLRNQPCKST
;
_entity_poly.pdbx_strand_id   A,B
#
loop_
_chem_comp.id
_chem_comp.type
_chem_comp.name
_chem_comp.formula
NAG D-saccharide, beta linking 2-acetamido-2-deoxy-beta-D-glucopyranose 'C8 H15 N O6'
SO4 non-polymer 'SULFATE ION' 'O4 S -2'
#
# COMPACT_ATOMS: atom_id res chain seq x y z
N GLY A 5 -12.56 -10.31 10.54
CA GLY A 5 -12.45 -10.42 12.00
C GLY A 5 -11.34 -11.36 12.42
N PHE A 6 -11.02 -11.36 13.72
CA PHE A 6 -9.96 -12.22 14.22
C PHE A 6 -10.48 -13.58 14.68
N CYS A 7 -11.80 -13.70 14.82
CA CYS A 7 -12.43 -14.98 15.10
C CYS A 7 -11.89 -15.66 16.35
N CYS A 8 -11.54 -14.86 17.36
CA CYS A 8 -10.99 -15.40 18.59
C CYS A 8 -12.10 -15.66 19.60
N PRO A 9 -11.90 -16.63 20.50
CA PRO A 9 -12.94 -16.99 21.46
C PRO A 9 -13.39 -15.79 22.31
N ALA A 10 -14.67 -15.75 22.61
CA ALA A 10 -15.26 -14.66 23.38
C ALA A 10 -14.58 -14.49 24.73
N ASP A 11 -14.21 -15.60 25.36
CA ASP A 11 -13.63 -15.58 26.70
C ASP A 11 -12.24 -14.93 26.80
N LEU A 12 -11.65 -14.55 25.66
CA LEU A 12 -10.38 -13.84 25.71
C LEU A 12 -10.59 -12.41 26.21
N ASN A 13 -11.84 -11.97 26.21
CA ASN A 13 -12.21 -10.66 26.74
C ASN A 13 -11.35 -9.51 26.21
N GLN A 14 -11.22 -9.44 24.88
CA GLN A 14 -10.51 -8.34 24.24
C GLN A 14 -11.21 -8.03 22.91
N THR A 15 -11.22 -6.76 22.50
CA THR A 15 -11.87 -6.39 21.24
C THR A 15 -10.96 -6.64 20.04
N ASP A 16 -11.57 -6.78 18.87
CA ASP A 16 -10.83 -6.87 17.63
C ASP A 16 -10.11 -5.55 17.36
N GLU A 17 -10.67 -4.47 17.90
CA GLU A 17 -10.05 -3.15 17.78
C GLU A 17 -8.68 -3.10 18.44
N ALA A 18 -8.58 -3.71 19.62
CA ALA A 18 -7.29 -3.85 20.29
C ALA A 18 -6.36 -4.80 19.52
N ARG A 19 -6.92 -5.90 19.02
CA ARG A 19 -6.12 -6.87 18.27
C ARG A 19 -5.50 -6.20 17.04
N LYS A 20 -6.31 -5.45 16.31
CA LYS A 20 -5.81 -4.73 15.13
C LYS A 20 -4.71 -3.72 15.49
N ILE A 21 -4.86 -3.02 16.61
CA ILE A 21 -3.83 -2.08 17.06
C ILE A 21 -2.47 -2.80 17.21
N PHE A 22 -2.51 -3.99 17.82
CA PHE A 22 -1.31 -4.77 18.10
C PHE A 22 -0.76 -5.39 16.82
N LEU A 23 -1.64 -5.91 15.99
CA LEU A 23 -1.20 -6.55 14.76
C LEU A 23 -0.60 -5.51 13.81
N ASP A 24 -1.30 -4.40 13.61
CA ASP A 24 -0.81 -3.31 12.76
C ASP A 24 0.56 -2.80 13.22
N PHE A 25 0.72 -2.66 14.53
CA PHE A 25 2.01 -2.26 15.13
C PHE A 25 3.12 -3.18 14.64
N HIS A 26 2.89 -4.48 14.78
CA HIS A 26 3.91 -5.46 14.41
C HIS A 26 4.25 -5.37 12.93
N ASN A 27 3.23 -5.27 12.09
CA ASN A 27 3.50 -5.15 10.67
C ASN A 27 4.07 -3.79 10.27
N GLN A 28 3.79 -2.75 11.06
CA GLN A 28 4.42 -1.46 10.80
C GLN A 28 5.95 -1.55 11.02
N VAL A 29 6.34 -2.17 12.13
CA VAL A 29 7.76 -2.32 12.41
C VAL A 29 8.46 -3.15 11.31
N ARG A 30 7.82 -4.25 10.93
CA ARG A 30 8.35 -5.16 9.90
C ARG A 30 8.47 -4.45 8.55
N ARG A 31 7.48 -3.61 8.24
CA ARG A 31 7.50 -2.91 6.95
C ARG A 31 8.55 -1.80 6.95
N ASP A 32 8.80 -1.19 8.11
CA ASP A 32 9.84 -0.15 8.21
C ASP A 32 11.21 -0.76 8.00
N ILE A 33 11.47 -1.88 8.64
CA ILE A 33 12.70 -2.63 8.45
C ILE A 33 12.85 -3.11 7.01
N ALA A 34 11.79 -3.70 6.47
CA ALA A 34 11.87 -4.19 5.10
C ALA A 34 12.19 -3.07 4.13
N GLY A 35 11.62 -1.89 4.37
CA GLY A 35 11.71 -0.79 3.42
C GLY A 35 12.76 0.25 3.78
N ALA A 36 13.51 0.00 4.85
CA ALA A 36 14.52 0.94 5.33
C ALA A 36 13.95 2.34 5.60
N SER A 37 12.78 2.38 6.22
CA SER A 37 12.11 3.61 6.62
C SER A 37 12.30 3.84 8.12
N PRO A 38 12.29 5.11 8.56
CA PRO A 38 12.49 5.41 9.98
C PRO A 38 11.45 4.70 10.86
N LEU A 39 11.88 4.19 12.03
CA LEU A 39 10.96 3.47 12.91
C LEU A 39 10.24 4.42 13.84
N LEU A 40 10.99 5.25 14.55
CA LEU A 40 10.37 6.22 15.44
C LEU A 40 10.21 7.53 14.68
N ASN A 41 9.15 8.28 14.99
CA ASN A 41 8.99 9.60 14.40
C ASN A 41 9.97 10.58 15.05
N LEU A 42 11.25 10.47 14.66
CA LEU A 42 12.35 11.07 15.40
C LEU A 42 13.46 11.49 14.46
N ALA A 45 14.33 12.36 10.86
CA ALA A 45 14.99 11.11 10.50
C ALA A 45 16.50 11.33 10.34
N VAL A 46 17.09 12.01 11.31
CA VAL A 46 18.52 12.28 11.30
C VAL A 46 19.33 11.05 11.70
N GLN A 47 18.87 10.37 12.75
CA GLN A 47 19.62 9.26 13.33
C GLN A 47 19.50 7.95 12.54
N MET A 48 20.65 7.42 12.12
CA MET A 48 20.69 6.21 11.31
C MET A 48 20.36 4.96 12.11
N ARG A 49 20.45 5.05 13.44
CA ARG A 49 20.06 3.94 14.30
C ARG A 49 18.55 3.84 14.42
N ASN A 50 17.86 4.85 13.88
CA ASN A 50 16.41 4.81 13.76
C ASN A 50 15.97 4.32 12.37
N VAL A 51 16.94 3.97 11.52
CA VAL A 51 16.64 3.45 10.18
C VAL A 51 17.35 2.13 9.88
N LEU A 52 16.63 1.03 10.05
CA LEU A 52 17.18 -0.31 9.84
C LEU A 52 16.70 -0.93 8.53
N GLY A 53 17.53 -1.80 7.95
CA GLY A 53 17.17 -2.49 6.72
C GLY A 53 17.92 -1.90 5.55
N PRO A 54 17.50 -2.23 4.31
CA PRO A 54 16.27 -2.97 3.99
C PRO A 54 16.42 -4.47 4.19
N ALA A 55 15.31 -5.19 4.18
CA ALA A 55 15.35 -6.65 4.32
C ALA A 55 14.62 -7.35 3.18
N LYS A 56 15.13 -8.51 2.76
CA LYS A 56 14.38 -9.32 1.84
C LYS A 56 13.54 -10.30 2.64
N ASN A 57 12.51 -10.83 1.99
CA ASN A 57 11.66 -11.85 2.59
C ASN A 57 11.15 -11.55 3.99
N MET A 58 10.79 -10.30 4.22
CA MET A 58 10.08 -9.94 5.45
C MET A 58 8.57 -10.00 5.17
N TYR A 59 7.91 -11.02 5.71
CA TYR A 59 6.50 -11.26 5.45
C TYR A 59 5.55 -10.75 6.53
N ARG A 60 4.34 -10.46 6.09
CA ARG A 60 3.29 -9.93 6.93
C ARG A 60 2.92 -10.94 8.01
N MET A 61 2.77 -10.45 9.24
CA MET A 61 2.33 -11.29 10.35
C MET A 61 0.81 -11.37 10.39
N ASP A 62 0.32 -12.45 11.01
CA ASP A 62 -1.10 -12.67 11.25
C ASP A 62 -1.35 -13.06 12.70
N TRP A 63 -2.57 -12.81 13.15
CA TRP A 63 -2.97 -13.11 14.53
C TRP A 63 -3.09 -14.61 14.74
N ASP A 64 -2.91 -15.03 15.98
CA ASP A 64 -3.11 -16.42 16.37
C ASP A 64 -3.78 -16.40 17.73
N CYS A 65 -5.04 -16.86 17.78
CA CYS A 65 -5.83 -16.78 19.02
C CYS A 65 -5.23 -17.57 20.18
N ASN A 66 -4.50 -18.64 19.87
CA ASN A 66 -3.86 -19.45 20.92
C ASN A 66 -2.64 -18.77 21.53
N LEU A 67 -1.90 -18.00 20.73
CA LEU A 67 -0.82 -17.21 21.29
C LEU A 67 -1.40 -16.10 22.15
N GLU A 68 -2.54 -15.54 21.73
CA GLU A 68 -3.22 -14.52 22.53
C GLU A 68 -3.61 -15.10 23.90
N ALA A 69 -4.08 -16.34 23.89
CA ALA A 69 -4.43 -17.02 25.15
C ALA A 69 -3.22 -17.17 26.06
N LYS A 70 -2.06 -17.50 25.48
CA LYS A 70 -0.83 -17.61 26.25
C LYS A 70 -0.40 -16.24 26.80
N ALA A 71 -0.61 -15.20 25.99
CA ALA A 71 -0.29 -13.84 26.40
C ALA A 71 -1.16 -13.40 27.55
N LYS A 72 -2.46 -13.67 27.43
CA LYS A 72 -3.42 -13.32 28.48
C LYS A 72 -3.08 -14.03 29.78
N ALA A 73 -2.74 -15.31 29.69
CA ALA A 73 -2.38 -16.08 30.88
C ALA A 73 -1.14 -15.52 31.58
N MET A 74 -0.25 -14.89 30.83
CA MET A 74 0.98 -14.36 31.43
C MET A 74 0.74 -13.10 32.24
N ILE A 75 -0.39 -12.42 32.00
CA ILE A 75 -0.56 -11.13 32.62
C ILE A 75 -1.77 -11.04 33.52
N TRP A 76 -2.75 -11.93 33.32
CA TRP A 76 -4.02 -11.80 34.01
CA TRP A 76 -4.03 -11.87 34.02
C TRP A 76 -3.95 -11.78 35.55
N PRO A 77 -3.14 -12.65 36.17
CA PRO A 77 -3.21 -12.62 37.64
C PRO A 77 -2.66 -11.35 38.31
N CYS A 78 -1.94 -10.51 37.58
CA CYS A 78 -1.47 -9.23 38.14
C CYS A 78 -0.68 -9.43 39.43
N THR A 79 0.14 -10.46 39.47
CA THR A 79 1.01 -10.71 40.61
C THR A 79 2.39 -10.11 40.34
N THR A 80 3.19 -10.02 41.39
CA THR A 80 4.59 -9.62 41.26
C THR A 80 5.47 -10.74 41.81
N PRO A 81 6.20 -11.44 40.93
CA PRO A 81 6.25 -11.19 39.49
C PRO A 81 5.11 -11.86 38.74
N LEU A 82 4.92 -11.45 37.49
CA LEU A 82 3.97 -12.06 36.59
C LEU A 82 4.44 -13.44 36.12
N PRO A 83 3.51 -14.34 35.81
CA PRO A 83 3.90 -15.68 35.36
C PRO A 83 4.30 -15.71 33.88
N ILE A 84 5.37 -14.99 33.56
CA ILE A 84 5.88 -14.93 32.20
C ILE A 84 6.45 -16.30 31.80
N ASP A 85 6.09 -16.76 30.60
CA ASP A 85 6.54 -18.05 30.11
C ASP A 85 7.70 -17.82 29.17
N THR A 86 8.92 -17.92 29.70
CA THR A 86 10.11 -17.58 28.91
C THR A 86 10.52 -18.74 28.00
N SER A 87 9.77 -19.82 28.04
CA SER A 87 10.08 -20.96 27.20
C SER A 87 9.58 -20.72 25.76
N ILE A 88 8.78 -19.68 25.57
CA ILE A 88 8.40 -19.28 24.22
C ILE A 88 8.80 -17.83 23.98
N PRO A 89 8.95 -17.45 22.71
CA PRO A 89 9.31 -16.05 22.48
C PRO A 89 8.13 -15.15 22.87
N GLN A 90 8.42 -14.10 23.63
CA GLN A 90 7.40 -13.17 24.09
C GLN A 90 8.00 -11.81 24.43
N ASN A 91 7.13 -10.80 24.45
CA ASN A 91 7.48 -9.44 24.83
C ASN A 91 6.50 -8.97 25.86
N LEU A 92 6.99 -8.17 26.80
CA LEU A 92 6.18 -7.68 27.89
C LEU A 92 6.43 -6.20 28.00
N ALA A 93 5.36 -5.44 28.15
CA ALA A 93 5.46 -4.01 28.37
C ALA A 93 4.59 -3.59 29.54
N GLN A 94 5.15 -2.77 30.43
CA GLN A 94 4.37 -2.22 31.54
C GLN A 94 4.49 -0.70 31.55
N TRP A 95 3.35 -0.03 31.65
CA TRP A 95 3.34 1.42 31.66
C TRP A 95 2.56 1.97 32.87
N LEU A 96 3.22 2.76 33.71
CA LEU A 96 2.55 3.38 34.84
C LEU A 96 1.55 4.42 34.32
N LEU A 97 0.27 4.17 34.55
CA LEU A 97 -0.78 5.04 34.05
C LEU A 97 -0.87 6.36 34.81
N PHE A 98 -1.28 7.42 34.09
CA PHE A 98 -1.64 8.68 34.70
C PHE A 98 -3.16 8.80 34.74
N GLN A 99 -3.67 9.72 35.57
CA GLN A 99 -5.11 9.80 35.82
C GLN A 99 -6.00 10.07 34.59
N ASN A 100 -5.42 10.64 33.53
CA ASN A 100 -6.18 10.90 32.31
C ASN A 100 -5.76 10.08 31.08
N SER A 101 -5.08 8.97 31.31
CA SER A 101 -4.68 8.10 30.21
C SER A 101 -5.90 7.44 29.58
N GLN A 102 -5.97 7.44 28.25
CA GLN A 102 -7.05 6.74 27.55
C GLN A 102 -6.58 5.36 27.07
N GLU A 103 -7.39 4.32 27.31
CA GLU A 103 -7.00 2.93 27.04
C GLU A 103 -6.36 2.67 25.68
N ASN A 104 -7.11 2.83 24.61
CA ASN A 104 -6.59 2.49 23.29
C ASN A 104 -5.44 3.36 22.84
N GLU A 105 -5.38 4.59 23.37
CA GLU A 105 -4.25 5.45 23.09
C GLU A 105 -2.96 4.85 23.69
N VAL A 106 -3.04 4.35 24.91
CA VAL A 106 -1.90 3.74 25.57
C VAL A 106 -1.51 2.46 24.84
N LEU A 107 -2.50 1.69 24.41
CA LEU A 107 -2.22 0.43 23.71
C LEU A 107 -1.51 0.69 22.39
N THR A 108 -1.77 1.85 21.79
CA THR A 108 -1.19 2.19 20.50
C THR A 108 0.26 2.61 20.70
N GLN A 109 0.53 3.18 21.88
CA GLN A 109 1.83 3.76 22.19
C GLN A 109 2.83 2.78 22.82
N THR A 110 2.38 2.01 23.79
CA THR A 110 3.32 1.21 24.59
C THR A 110 4.16 0.14 23.85
N PRO A 111 3.61 -0.50 22.79
CA PRO A 111 4.47 -1.47 22.12
C PRO A 111 5.71 -0.85 21.51
N TRP A 112 5.65 0.44 21.18
CA TRP A 112 6.82 1.14 20.64
C TRP A 112 7.98 1.17 21.62
N SER A 113 7.71 0.98 22.91
CA SER A 113 8.79 0.99 23.89
C SER A 113 9.75 -0.18 23.61
N TRP A 114 9.22 -1.25 23.00
CA TRP A 114 10.02 -2.41 22.63
C TRP A 114 11.03 -2.05 21.56
N VAL A 115 10.60 -1.20 20.63
CA VAL A 115 11.48 -0.67 19.60
C VAL A 115 12.50 0.29 20.20
N THR A 116 12.02 1.32 20.89
CA THR A 116 12.89 2.34 21.47
C THR A 116 13.95 1.70 22.39
N ALA A 117 13.51 0.77 23.24
CA ALA A 117 14.43 0.12 24.18
C ALA A 117 15.53 -0.67 23.50
N SER A 118 15.22 -1.29 22.37
CA SER A 118 16.19 -2.08 21.63
C SER A 118 17.17 -1.17 20.87
N LEU A 119 16.63 -0.15 20.20
CA LEU A 119 17.45 0.80 19.46
C LEU A 119 18.42 1.54 20.40
N ARG A 120 17.95 1.81 21.62
CA ARG A 120 18.77 2.46 22.63
C ARG A 120 20.05 1.66 22.90
N ASN A 121 19.99 0.35 22.67
CA ASN A 121 21.13 -0.54 22.90
C ASN A 121 22.02 -0.79 21.67
N LEU A 122 21.73 -0.13 20.56
CA LEU A 122 22.54 -0.27 19.36
C LEU A 122 23.74 0.66 19.42
N GLN A 123 24.92 0.11 19.19
CA GLN A 123 26.14 0.91 18.99
C GLN A 123 26.23 1.22 17.50
N PRO A 124 26.96 2.29 17.13
CA PRO A 124 26.99 2.69 15.71
C PRO A 124 27.42 1.56 14.76
N ASP A 125 28.21 0.62 15.25
CA ASP A 125 28.70 -0.47 14.41
C ASP A 125 27.95 -1.78 14.63
N THR A 126 26.93 -1.77 15.49
CA THR A 126 26.13 -2.96 15.77
C THR A 126 25.30 -3.41 14.55
N GLU A 127 25.38 -4.70 14.22
CA GLU A 127 24.52 -5.29 13.19
C GLU A 127 23.17 -5.60 13.82
N ALA A 128 22.15 -4.84 13.46
CA ALA A 128 20.86 -4.88 14.12
C ALA A 128 20.02 -6.11 13.74
N ASN A 129 20.46 -6.85 12.72
CA ASN A 129 19.75 -8.05 12.30
C ASN A 129 20.30 -9.30 12.96
N ILE A 130 21.22 -9.10 13.90
CA ILE A 130 21.88 -10.21 14.57
C ILE A 130 21.50 -10.20 16.03
N TYR A 131 20.95 -11.30 16.50
CA TYR A 131 20.39 -11.34 17.83
C TYR A 131 21.39 -11.21 18.98
N ASN A 132 21.04 -10.35 19.94
CA ASN A 132 21.58 -10.38 21.28
C ASN A 132 20.46 -9.93 22.21
N TRP A 133 20.54 -10.28 23.50
CA TRP A 133 19.41 -10.02 24.39
C TRP A 133 19.03 -8.53 24.54
N GLN A 134 20.03 -7.66 24.38
CA GLN A 134 19.85 -6.21 24.46
C GLN A 134 18.89 -5.67 23.39
N ILE A 135 18.67 -6.44 22.32
CA ILE A 135 17.71 -6.04 21.29
C ILE A 135 16.66 -7.14 21.03
N ARG A 136 16.43 -7.96 22.05
CA ARG A 136 15.43 -9.04 21.99
C ARG A 136 14.01 -8.58 21.65
N PRO A 137 13.52 -7.48 22.29
CA PRO A 137 12.12 -7.16 21.97
C PRO A 137 11.90 -6.79 20.49
N LEU A 138 12.83 -6.05 19.90
CA LEU A 138 12.68 -5.67 18.50
C LEU A 138 12.88 -6.91 17.62
N SER A 139 13.80 -7.76 18.05
CA SER A 139 14.13 -8.98 17.33
C SER A 139 12.93 -9.92 17.27
N ASN A 140 12.19 -10.05 18.38
CA ASN A 140 10.95 -10.84 18.34
C ASN A 140 9.97 -10.31 17.29
N ILE A 141 9.76 -9.00 17.27
CA ILE A 141 8.84 -8.38 16.34
C ILE A 141 9.25 -8.57 14.89
N ALA A 142 10.55 -8.45 14.63
CA ALA A 142 11.05 -8.45 13.25
C ALA A 142 11.56 -9.79 12.75
N ASN A 143 11.35 -10.85 13.53
CA ASN A 143 11.87 -12.19 13.21
C ASN A 143 11.24 -12.65 11.91
N TRP A 144 12.04 -12.86 10.87
CA TRP A 144 11.49 -13.24 9.59
C TRP A 144 10.96 -14.67 9.59
N GLN A 145 11.44 -15.47 10.52
CA GLN A 145 11.10 -16.89 10.54
C GLN A 145 9.84 -17.16 11.34
N ASN A 146 9.25 -16.10 11.89
CA ASN A 146 7.96 -16.21 12.54
C ASN A 146 6.89 -15.20 12.07
N LEU A 147 5.69 -15.71 11.80
CA LEU A 147 4.65 -14.92 11.16
C LEU A 147 3.36 -14.87 11.98
N LYS A 148 3.39 -15.43 13.18
CA LYS A 148 2.21 -15.46 14.05
C LYS A 148 2.44 -14.72 15.37
N VAL A 149 1.46 -13.93 15.77
CA VAL A 149 1.55 -13.17 17.03
C VAL A 149 0.18 -13.16 17.67
N GLY A 150 0.15 -13.07 19.00
CA GLY A 150 -1.07 -12.96 19.77
C GLY A 150 -0.74 -12.10 20.98
N CYS A 151 -1.51 -11.04 21.21
CA CYS A 151 -1.24 -10.14 22.31
C CYS A 151 -2.45 -9.92 23.17
N ALA A 152 -2.20 -9.57 24.42
CA ALA A 152 -3.25 -9.27 25.38
C ALA A 152 -2.85 -8.06 26.20
N HIS A 153 -3.82 -7.46 26.88
CA HIS A 153 -3.50 -6.31 27.69
C HIS A 153 -4.38 -6.29 28.93
N LYS A 154 -3.87 -5.68 29.99
CA LYS A 154 -4.64 -5.56 31.22
C LYS A 154 -4.09 -4.48 32.12
N VAL A 155 -5.00 -3.77 32.78
CA VAL A 155 -4.63 -2.85 33.85
C VAL A 155 -4.42 -3.65 35.13
N CYS A 156 -3.22 -3.58 35.69
CA CYS A 156 -2.93 -4.25 36.95
C CYS A 156 -2.65 -3.23 38.05
N LYS A 157 -3.36 -3.36 39.18
CA LYS A 157 -3.02 -2.57 40.37
C LYS A 157 -1.93 -3.27 41.17
N PHE A 158 -0.67 -3.11 40.76
CA PHE A 158 0.43 -3.59 41.57
C PHE A 158 0.53 -2.65 42.79
N PRO A 159 1.03 -3.18 43.91
CA PRO A 159 1.23 -2.33 45.08
C PRO A 159 2.18 -1.17 44.76
N THR A 160 3.02 -1.38 43.75
CA THR A 160 3.97 -0.37 43.29
C THR A 160 3.34 0.61 42.29
N GLY A 161 2.02 0.51 42.09
CA GLY A 161 1.33 1.44 41.22
C GLY A 161 0.58 0.79 40.07
N THR A 162 -0.46 1.46 39.60
CA THR A 162 -1.34 0.91 38.57
C THR A 162 -0.76 1.04 37.15
N ASN A 163 -0.57 -0.09 36.49
CA ASN A 163 0.07 -0.13 35.18
C ASN A 163 -0.83 -0.73 34.11
N MET A 164 -0.71 -0.22 32.88
CA MET A 164 -1.17 -0.95 31.72
C MET A 164 -0.11 -2.01 31.45
N VAL A 165 -0.53 -3.25 31.34
CA VAL A 165 0.38 -4.33 30.99
C VAL A 165 0.02 -4.94 29.62
N VAL A 166 1.02 -5.09 28.75
CA VAL A 166 0.81 -5.72 27.45
C VAL A 166 1.80 -6.87 27.27
N SER A 167 1.28 -8.00 26.80
CA SER A 167 2.09 -9.16 26.50
C SER A 167 1.79 -9.58 25.08
N CYS A 168 2.83 -9.82 24.29
CA CYS A 168 2.69 -10.49 23.00
C CYS A 168 3.47 -11.81 22.99
N ALA A 169 2.80 -12.88 22.56
CA ALA A 169 3.43 -14.18 22.38
C ALA A 169 3.66 -14.43 20.88
N TYR A 170 4.75 -15.10 20.53
CA TYR A 170 5.09 -15.27 19.13
C TYR A 170 5.22 -16.75 18.81
N GLY A 171 4.96 -17.09 17.55
CA GLY A 171 5.16 -18.45 17.11
C GLY A 171 6.65 -18.75 17.03
N GLY A 172 7.00 -20.01 16.85
CA GLY A 172 8.39 -20.33 16.60
C GLY A 172 9.26 -20.39 17.84
N GLU A 173 10.57 -20.40 17.62
CA GLU A 173 11.54 -20.69 18.66
C GLU A 173 12.03 -19.41 19.33
N VAL A 174 12.53 -19.55 20.56
CA VAL A 174 13.22 -18.47 21.24
C VAL A 174 14.54 -18.14 20.49
N LEU A 175 14.76 -16.88 20.15
CA LEU A 175 15.98 -16.51 19.42
C LEU A 175 17.22 -16.68 20.31
N GLN A 176 18.35 -17.05 19.72
CA GLN A 176 19.58 -17.21 20.48
C GLN A 176 20.67 -16.29 19.94
N ASP A 177 21.72 -16.08 20.75
CA ASP A 177 22.84 -15.21 20.39
C ASP A 177 23.38 -15.49 18.99
N ASN A 178 23.56 -14.41 18.24
CA ASN A 178 24.11 -14.45 16.88
C ASN A 178 23.25 -15.04 15.76
N GLU A 179 22.03 -15.47 16.07
CA GLU A 179 21.08 -15.87 15.05
C GLU A 179 20.66 -14.68 14.16
N VAL A 180 20.51 -14.96 12.88
CA VAL A 180 20.05 -13.96 11.92
C VAL A 180 18.57 -13.73 12.14
N VAL A 181 18.22 -12.53 12.57
CA VAL A 181 16.82 -12.19 12.86
C VAL A 181 16.02 -11.88 11.59
N TRP A 182 16.64 -11.12 10.69
CA TRP A 182 16.09 -10.92 9.37
C TRP A 182 17.22 -10.81 8.35
N ASP A 183 16.89 -11.05 7.07
CA ASP A 183 17.91 -11.11 6.02
C ASP A 183 18.09 -9.76 5.35
N LYS A 184 19.31 -9.23 5.36
CA LYS A 184 19.60 -8.01 4.61
C LYS A 184 19.37 -8.27 3.13
N GLY A 185 18.63 -7.37 2.48
CA GLY A 185 18.34 -7.55 1.08
C GLY A 185 17.28 -6.58 0.61
N PRO A 186 16.90 -6.67 -0.67
CA PRO A 186 16.06 -5.65 -1.29
C PRO A 186 14.61 -5.71 -0.81
N THR A 187 14.06 -4.55 -0.44
CA THR A 187 12.64 -4.43 -0.13
C THR A 187 11.84 -5.04 -1.28
N CYS A 188 10.79 -5.78 -0.92
CA CYS A 188 9.91 -6.41 -1.90
C CYS A 188 10.50 -7.59 -2.70
N MET A 189 11.70 -8.05 -2.34
CA MET A 189 12.09 -9.37 -2.81
C MET A 189 11.45 -10.42 -1.93
N CYS A 190 10.47 -11.11 -2.48
CA CYS A 190 9.63 -12.00 -1.68
C CYS A 190 9.56 -13.34 -2.37
N ASN A 191 10.45 -14.26 -2.01
CA ASN A 191 10.47 -15.55 -2.68
C ASN A 191 10.63 -16.74 -1.75
N ALA A 192 10.34 -16.54 -0.46
CA ALA A 192 10.52 -17.62 0.51
C ALA A 192 9.38 -18.61 0.40
N TYR A 193 8.25 -18.14 -0.12
CA TYR A 193 7.03 -18.94 -0.23
C TYR A 193 6.43 -18.77 -1.62
N PRO A 194 5.67 -19.78 -2.08
CA PRO A 194 5.06 -19.70 -3.42
C PRO A 194 3.93 -18.67 -3.47
N ASN A 195 3.66 -18.16 -4.66
CA ASN A 195 2.62 -17.14 -4.87
C ASN A 195 2.78 -15.95 -3.92
N SER A 196 3.98 -15.41 -3.87
CA SER A 196 4.27 -14.26 -3.02
C SER A 196 4.03 -12.94 -3.72
N PHE A 197 3.69 -11.93 -2.95
CA PHE A 197 3.61 -10.58 -3.46
C PHE A 197 4.04 -9.58 -2.39
N CYS A 198 4.09 -8.31 -2.78
CA CYS A 198 4.50 -7.26 -1.86
C CYS A 198 3.46 -6.15 -1.90
N CYS A 199 3.11 -5.66 -0.71
CA CYS A 199 2.21 -4.53 -0.58
C CYS A 199 2.71 -3.64 0.55
N ASN A 200 2.84 -2.35 0.26
CA ASN A 200 3.35 -1.37 1.24
C ASN A 200 4.63 -1.86 1.92
N ASN A 201 5.57 -2.32 1.10
CA ASN A 201 6.93 -2.74 1.50
C ASN A 201 6.98 -4.02 2.34
N LEU A 202 5.88 -4.76 2.35
CA LEU A 202 5.77 -5.97 3.18
C LEU A 202 5.34 -7.17 2.32
N CYS A 203 6.15 -8.23 2.34
CA CYS A 203 5.86 -9.45 1.60
C CYS A 203 4.58 -10.11 2.16
N ASP A 204 3.91 -10.87 1.31
CA ASP A 204 2.71 -11.60 1.72
C ASP A 204 2.48 -12.75 0.74
N THR A 205 1.55 -13.63 1.05
CA THR A 205 1.21 -14.70 0.12
C THR A 205 -0.28 -14.69 -0.17
N ILE A 206 -0.64 -15.25 -1.30
CA ILE A 206 -2.03 -15.33 -1.68
C ILE A 206 -2.77 -16.26 -0.72
N ALA A 207 -2.09 -17.31 -0.27
CA ALA A 207 -2.65 -18.26 0.69
C ALA A 207 -2.93 -17.58 2.01
N ALA A 208 -1.99 -16.77 2.48
CA ALA A 208 -2.15 -16.08 3.76
C ALA A 208 -3.25 -15.01 3.68
N ALA A 209 -3.32 -14.30 2.55
CA ALA A 209 -4.40 -13.35 2.32
C ALA A 209 -5.77 -14.03 2.29
N THR A 210 -5.84 -15.19 1.64
CA THR A 210 -7.10 -15.89 1.52
C THR A 210 -7.54 -16.37 2.88
N LEU A 211 -6.57 -16.88 3.65
CA LEU A 211 -6.86 -17.43 4.96
C LEU A 211 -7.39 -16.36 5.91
N ARG A 212 -6.72 -15.21 5.98
CA ARG A 212 -7.13 -14.15 6.92
C ARG A 212 -8.47 -13.51 6.56
N ASN A 213 -8.89 -13.67 5.31
CA ASN A 213 -10.13 -13.06 4.84
C ASN A 213 -11.33 -14.01 4.86
N GLN A 214 -11.15 -15.18 5.49
CA GLN A 214 -12.26 -16.13 5.67
C GLN A 214 -13.13 -15.79 6.85
N PRO A 215 -14.45 -16.02 6.73
CA PRO A 215 -15.37 -15.74 7.84
C PRO A 215 -15.17 -16.72 8.99
N CYS A 216 -15.61 -16.36 10.19
CA CYS A 216 -15.44 -17.21 11.37
C CYS A 216 -16.21 -18.52 11.27
N ALA B 2 11.81 -1.63 -6.57
CA ALA B 2 11.80 -0.24 -6.12
C ALA B 2 11.13 0.65 -7.15
N GLU B 3 11.88 1.62 -7.66
CA GLU B 3 11.37 2.53 -8.68
C GLU B 3 10.91 1.76 -9.91
N ALA B 4 10.03 2.38 -10.68
CA ALA B 4 9.39 1.71 -11.81
C ALA B 4 10.34 1.56 -12.99
N GLY B 5 10.29 0.39 -13.62
CA GLY B 5 11.01 0.18 -14.86
C GLY B 5 10.06 0.47 -16.01
N PHE B 6 10.26 1.61 -16.66
CA PHE B 6 9.46 1.93 -17.82
C PHE B 6 10.16 1.42 -19.07
N CYS B 7 11.49 1.56 -19.09
CA CYS B 7 12.32 1.00 -20.15
C CYS B 7 11.91 1.48 -21.54
N CYS B 8 11.55 2.75 -21.64
CA CYS B 8 11.14 3.31 -22.92
C CYS B 8 12.31 3.89 -23.73
N PRO B 9 12.17 3.91 -25.06
CA PRO B 9 13.28 4.37 -25.90
C PRO B 9 13.59 5.84 -25.63
N ALA B 10 14.88 6.20 -25.70
CA ALA B 10 15.31 7.57 -25.49
C ALA B 10 14.59 8.56 -26.38
N ASP B 11 14.28 8.16 -27.62
CA ASP B 11 13.72 9.11 -28.58
C ASP B 11 12.31 9.58 -28.24
N LEU B 12 11.69 8.94 -27.26
CA LEU B 12 10.39 9.41 -26.80
C LEU B 12 10.53 10.76 -26.08
N ASN B 13 11.74 11.04 -25.61
CA ASN B 13 12.06 12.34 -25.02
C ASN B 13 11.08 12.75 -23.91
N GLN B 14 10.91 11.85 -22.93
CA GLN B 14 10.10 12.13 -21.75
C GLN B 14 10.79 11.46 -20.55
N THR B 15 10.74 12.09 -19.38
CA THR B 15 11.35 11.50 -18.18
C THR B 15 10.47 10.43 -17.56
N ASP B 16 11.09 9.46 -16.90
CA ASP B 16 10.33 8.47 -16.16
C ASP B 16 9.49 9.12 -15.06
N GLU B 17 9.98 10.24 -14.51
CA GLU B 17 9.21 10.95 -13.49
C GLU B 17 7.86 11.39 -14.04
N ALA B 18 7.85 11.85 -15.29
CA ALA B 18 6.60 12.27 -15.92
C ALA B 18 5.71 11.07 -16.16
N ARG B 19 6.33 9.97 -16.60
CA ARG B 19 5.57 8.74 -16.89
C ARG B 19 4.89 8.28 -15.62
N LYS B 20 5.63 8.35 -14.52
CA LYS B 20 5.14 7.94 -13.23
C LYS B 20 3.96 8.78 -12.77
N ILE B 21 4.02 10.09 -13.00
CA ILE B 21 2.91 10.98 -12.66
C ILE B 21 1.64 10.53 -13.40
N PHE B 22 1.77 10.26 -14.69
CA PHE B 22 0.62 9.86 -15.49
C PHE B 22 0.07 8.49 -15.09
N LEU B 23 0.95 7.54 -14.89
CA LEU B 23 0.54 6.20 -14.51
C LEU B 23 -0.03 6.17 -13.08
N ASP B 24 0.62 6.85 -12.15
CA ASP B 24 0.06 6.95 -10.79
C ASP B 24 -1.32 7.63 -10.79
N PHE B 25 -1.48 8.64 -11.64
CA PHE B 25 -2.78 9.29 -11.77
C PHE B 25 -3.84 8.26 -12.12
N HIS B 26 -3.58 7.47 -13.18
CA HIS B 26 -4.55 6.46 -13.62
C HIS B 26 -4.88 5.45 -12.54
N ASN B 27 -3.87 4.93 -11.87
CA ASN B 27 -4.16 3.93 -10.85
C ASN B 27 -4.86 4.52 -9.64
N GLN B 28 -4.60 5.79 -9.39
CA GLN B 28 -5.29 6.48 -8.31
C GLN B 28 -6.79 6.60 -8.58
N VAL B 29 -7.15 7.03 -9.79
CA VAL B 29 -8.57 7.07 -10.19
C VAL B 29 -9.21 5.65 -10.11
N ARG B 30 -8.51 4.65 -10.66
CA ARG B 30 -8.99 3.29 -10.62
C ARG B 30 -9.19 2.80 -9.18
N ARG B 31 -8.22 3.10 -8.32
CA ARG B 31 -8.27 2.77 -6.89
C ARG B 31 -9.43 3.49 -6.14
N ASP B 32 -9.65 4.76 -6.45
CA ASP B 32 -10.75 5.50 -5.84
C ASP B 32 -12.10 4.89 -6.21
N ILE B 33 -12.26 4.50 -7.46
CA ILE B 33 -13.49 3.85 -7.88
C ILE B 33 -13.66 2.49 -7.21
N ALA B 34 -12.60 1.69 -7.21
CA ALA B 34 -12.67 0.37 -6.58
C ALA B 34 -13.02 0.44 -5.09
N GLY B 35 -12.48 1.45 -4.41
CA GLY B 35 -12.66 1.58 -2.98
C GLY B 35 -13.77 2.54 -2.61
N ALA B 36 -14.50 3.02 -3.61
CA ALA B 36 -15.52 4.06 -3.43
C ALA B 36 -15.01 5.18 -2.52
N SER B 37 -13.86 5.74 -2.90
CA SER B 37 -13.26 6.88 -2.21
C SER B 37 -13.44 8.16 -3.03
N PRO B 38 -13.44 9.31 -2.37
CA PRO B 38 -13.56 10.59 -3.08
C PRO B 38 -12.49 10.78 -4.15
N LEU B 39 -12.92 11.21 -5.34
CA LEU B 39 -12.03 11.39 -6.47
C LEU B 39 -11.23 12.72 -6.41
N LEU B 40 -11.95 13.84 -6.50
CA LEU B 40 -11.32 15.16 -6.42
C LEU B 40 -11.28 15.65 -4.98
N ASN B 41 -10.38 16.59 -4.70
CA ASN B 41 -10.24 17.17 -3.36
C ASN B 41 -11.52 17.85 -2.88
N MET B 48 -20.84 18.56 -7.00
CA MET B 48 -20.99 17.46 -7.96
C MET B 48 -20.72 16.09 -7.32
N ARG B 49 -21.12 15.04 -8.03
CA ARG B 49 -20.81 13.67 -7.62
C ARG B 49 -19.30 13.48 -7.64
N ASN B 50 -18.77 12.86 -6.58
CA ASN B 50 -17.33 12.78 -6.41
C ASN B 50 -16.90 11.44 -5.86
N VAL B 51 -17.87 10.54 -5.65
CA VAL B 51 -17.59 9.20 -5.18
C VAL B 51 -18.28 8.19 -6.09
N LEU B 52 -17.49 7.30 -6.69
CA LEU B 52 -18.03 6.27 -7.55
C LEU B 52 -17.62 4.90 -7.03
N GLY B 53 -18.39 3.87 -7.38
CA GLY B 53 -18.06 2.52 -6.95
C GLY B 53 -18.84 2.10 -5.72
N PRO B 54 -18.42 1.01 -5.04
CA PRO B 54 -17.17 0.28 -5.26
C PRO B 54 -17.23 -0.58 -6.50
N ALA B 55 -16.08 -1.08 -6.94
CA ALA B 55 -15.99 -1.95 -8.10
C ALA B 55 -15.16 -3.17 -7.78
N LYS B 56 -15.56 -4.32 -8.31
CA LYS B 56 -14.74 -5.52 -8.21
C LYS B 56 -13.92 -5.67 -9.49
N ASN B 57 -12.86 -6.45 -9.39
CA ASN B 57 -11.98 -6.72 -10.53
C ASN B 57 -11.47 -5.48 -11.26
N MET B 58 -11.14 -4.44 -10.50
CA MET B 58 -10.48 -3.27 -11.05
C MET B 58 -9.00 -3.47 -10.83
N TYR B 59 -8.27 -3.74 -11.91
CA TYR B 59 -6.83 -4.09 -11.87
C TYR B 59 -5.87 -2.93 -12.18
N ARG B 60 -4.69 -2.99 -11.58
CA ARG B 60 -3.63 -2.00 -11.76
C ARG B 60 -3.15 -1.91 -13.22
N MET B 61 -3.05 -0.69 -13.73
CA MET B 61 -2.58 -0.44 -15.08
C MET B 61 -1.06 -0.41 -15.12
N ASP B 62 -0.48 -0.83 -16.23
CA ASP B 62 0.95 -0.66 -16.47
C ASP B 62 1.20 0.17 -17.72
N TRP B 63 2.44 0.62 -17.86
CA TRP B 63 2.84 1.44 -18.98
C TRP B 63 3.01 0.59 -20.25
N ASP B 64 2.82 1.23 -21.40
CA ASP B 64 3.10 0.60 -22.68
C ASP B 64 3.83 1.66 -23.48
N CYS B 65 5.10 1.43 -23.81
CA CYS B 65 5.89 2.42 -24.54
C CYS B 65 5.39 2.66 -25.97
N ASN B 66 4.79 1.64 -26.57
CA ASN B 66 4.21 1.83 -27.90
C ASN B 66 2.98 2.76 -27.84
N LEU B 67 2.18 2.64 -26.79
CA LEU B 67 1.05 3.55 -26.64
C LEU B 67 1.56 4.96 -26.39
N GLU B 68 2.66 5.08 -25.63
CA GLU B 68 3.25 6.40 -25.40
C GLU B 68 3.66 7.06 -26.73
N ALA B 69 4.21 6.26 -27.64
CA ALA B 69 4.66 6.78 -28.93
C ALA B 69 3.48 7.25 -29.76
N LYS B 70 2.36 6.53 -29.68
CA LYS B 70 1.13 6.95 -30.34
C LYS B 70 0.67 8.29 -29.79
N ALA B 71 0.73 8.44 -28.47
CA ALA B 71 0.32 9.68 -27.83
C ALA B 71 1.25 10.83 -28.20
N LYS B 72 2.55 10.57 -28.21
CA LYS B 72 3.52 11.58 -28.62
C LYS B 72 3.26 12.04 -30.06
N ALA B 73 2.91 11.11 -30.95
CA ALA B 73 2.68 11.44 -32.35
C ALA B 73 1.45 12.31 -32.55
N MET B 74 0.46 12.13 -31.68
CA MET B 74 -0.79 12.88 -31.76
C MET B 74 -0.61 14.33 -31.36
N ILE B 75 0.39 14.64 -30.55
CA ILE B 75 0.52 16.02 -30.05
C ILE B 75 1.71 16.77 -30.61
N TRP B 76 2.72 16.03 -31.07
CA TRP B 76 3.99 16.64 -31.42
CA TRP B 76 3.99 16.62 -31.44
C TRP B 76 3.95 17.73 -32.50
N PRO B 77 3.07 17.62 -33.51
CA PRO B 77 3.11 18.70 -34.50
C PRO B 77 2.58 20.03 -33.98
N CYS B 78 1.88 20.04 -32.86
CA CYS B 78 1.28 21.26 -32.34
C CYS B 78 0.46 22.03 -33.39
N THR B 79 -0.36 21.32 -34.15
CA THR B 79 -1.22 21.96 -35.13
C THR B 79 -2.62 22.14 -34.56
N THR B 80 -3.39 23.04 -35.14
CA THR B 80 -4.79 23.22 -34.78
C THR B 80 -5.65 22.86 -35.99
N PRO B 81 -6.37 21.72 -35.93
CA PRO B 81 -6.42 20.75 -34.83
C PRO B 81 -5.23 19.80 -34.86
N LEU B 82 -5.07 19.02 -33.80
CA LEU B 82 -4.01 18.02 -33.70
C LEU B 82 -4.42 16.77 -34.47
N PRO B 83 -3.43 16.00 -34.93
CA PRO B 83 -3.73 14.73 -35.61
C PRO B 83 -4.13 13.65 -34.61
N ILE B 84 -5.28 13.85 -33.95
CA ILE B 84 -5.75 12.85 -33.00
C ILE B 84 -6.18 11.60 -33.74
N ASP B 85 -5.79 10.43 -33.23
CA ASP B 85 -6.20 9.15 -33.79
C ASP B 85 -7.44 8.64 -33.06
N THR B 86 -8.61 8.91 -33.63
CA THR B 86 -9.86 8.50 -33.02
C THR B 86 -10.17 7.01 -33.19
N SER B 87 -9.27 6.28 -33.86
CA SER B 87 -9.49 4.85 -34.07
C SER B 87 -9.06 4.04 -32.86
N ILE B 88 -8.47 4.72 -31.87
CA ILE B 88 -8.07 4.05 -30.64
C ILE B 88 -8.62 4.83 -29.47
N PRO B 89 -8.82 4.17 -28.32
CA PRO B 89 -9.21 4.92 -27.13
C PRO B 89 -8.07 5.87 -26.75
N GLN B 90 -8.40 7.14 -26.55
CA GLN B 90 -7.41 8.14 -26.12
C GLN B 90 -8.09 9.31 -25.43
N ASN B 91 -7.34 9.99 -24.57
CA ASN B 91 -7.78 11.22 -23.93
C ASN B 91 -6.80 12.33 -24.25
N LEU B 92 -7.32 13.54 -24.41
CA LEU B 92 -6.48 14.68 -24.74
C LEU B 92 -6.82 15.79 -23.77
N ALA B 93 -5.81 16.51 -23.32
CA ALA B 93 -6.03 17.62 -22.40
C ALA B 93 -5.08 18.75 -22.72
N GLN B 94 -5.53 19.96 -22.44
CA GLN B 94 -4.74 21.15 -22.69
C GLN B 94 -4.91 22.04 -21.48
N TRP B 95 -3.82 22.71 -21.12
CA TRP B 95 -3.77 23.43 -19.86
C TRP B 95 -3.06 24.75 -20.13
N LEU B 96 -3.64 25.84 -19.62
CA LEU B 96 -3.08 27.18 -19.83
C LEU B 96 -1.78 27.31 -19.04
N LEU B 97 -0.74 27.81 -19.69
CA LEU B 97 0.51 28.03 -18.99
C LEU B 97 0.66 29.49 -18.59
N PHE B 98 1.20 29.71 -17.40
CA PHE B 98 1.40 31.05 -16.88
C PHE B 98 2.89 31.31 -16.81
N GLN B 99 3.27 32.55 -16.56
CA GLN B 99 4.68 32.93 -16.48
C GLN B 99 5.44 31.99 -15.53
N ASN B 100 4.87 31.78 -14.35
CA ASN B 100 5.51 31.03 -13.28
C ASN B 100 5.17 29.54 -13.25
N SER B 101 4.52 29.04 -14.28
CA SER B 101 4.14 27.62 -14.30
C SER B 101 5.32 26.67 -14.09
N GLN B 102 5.12 25.69 -13.20
CA GLN B 102 6.11 24.66 -12.92
C GLN B 102 5.68 23.35 -13.60
N GLU B 103 6.57 22.79 -14.41
CA GLU B 103 6.19 21.66 -15.28
C GLU B 103 5.53 20.48 -14.56
N ASN B 104 6.17 19.94 -13.53
CA ASN B 104 5.61 18.75 -12.91
C ASN B 104 4.31 18.99 -12.14
N GLU B 105 4.10 20.22 -11.64
CA GLU B 105 2.82 20.58 -11.05
C GLU B 105 1.73 20.57 -12.11
N VAL B 106 2.04 21.20 -13.25
CA VAL B 106 1.16 21.16 -14.41
C VAL B 106 0.82 19.71 -14.81
N LEU B 107 1.85 18.85 -14.96
CA LEU B 107 1.62 17.46 -15.36
C LEU B 107 0.81 16.68 -14.32
N THR B 108 0.98 17.04 -13.06
CA THR B 108 0.21 16.42 -11.98
C THR B 108 -1.27 16.84 -12.05
N GLN B 109 -1.52 18.11 -12.33
CA GLN B 109 -2.89 18.62 -12.26
C GLN B 109 -3.70 18.38 -13.53
N THR B 110 -3.03 18.42 -14.68
CA THR B 110 -3.75 18.41 -15.97
C THR B 110 -4.72 17.22 -16.16
N PRO B 111 -4.26 15.97 -15.90
CA PRO B 111 -5.12 14.81 -16.17
C PRO B 111 -6.41 14.81 -15.35
N TRP B 112 -6.39 15.41 -14.16
CA TRP B 112 -7.61 15.43 -13.34
C TRP B 112 -8.76 16.15 -14.02
N SER B 113 -8.44 16.97 -15.03
CA SER B 113 -9.47 17.66 -15.79
C SER B 113 -10.40 16.69 -16.53
N TRP B 114 -9.88 15.53 -16.92
CA TRP B 114 -10.69 14.47 -17.51
C TRP B 114 -11.69 13.93 -16.49
N VAL B 115 -11.28 13.86 -15.24
CA VAL B 115 -12.17 13.36 -14.21
C VAL B 115 -13.24 14.42 -13.92
N THR B 116 -12.79 15.66 -13.79
CA THR B 116 -13.68 16.80 -13.57
C THR B 116 -14.70 16.98 -14.70
N ALA B 117 -14.25 16.93 -15.95
CA ALA B 117 -15.16 17.06 -17.09
C ALA B 117 -16.23 15.97 -17.05
N SER B 118 -15.83 14.75 -16.77
CA SER B 118 -16.76 13.63 -16.80
C SER B 118 -17.76 13.68 -15.65
N LEU B 119 -17.27 13.88 -14.43
CA LEU B 119 -18.12 13.95 -13.24
C LEU B 119 -19.18 15.03 -13.37
N ARG B 120 -18.80 16.13 -14.01
CA ARG B 120 -19.67 17.26 -14.26
C ARG B 120 -20.93 16.85 -15.03
N ASN B 121 -20.78 15.83 -15.87
CA ASN B 121 -21.87 15.40 -16.73
C ASN B 121 -22.70 14.27 -16.11
N LEU B 122 -22.32 13.87 -14.90
CA LEU B 122 -23.12 12.88 -14.17
C LEU B 122 -24.33 13.55 -13.53
N GLN B 123 -25.51 13.03 -13.84
CA GLN B 123 -26.71 13.44 -13.14
C GLN B 123 -26.87 12.52 -11.94
N PRO B 124 -27.70 12.90 -10.95
CA PRO B 124 -27.82 12.07 -9.74
C PRO B 124 -28.21 10.62 -10.04
N ASP B 125 -28.90 10.42 -11.16
CA ASP B 125 -29.40 9.10 -11.54
C ASP B 125 -28.53 8.35 -12.56
N THR B 126 -27.45 8.96 -13.02
CA THR B 126 -26.62 8.32 -14.03
C THR B 126 -25.83 7.13 -13.49
N GLU B 127 -25.93 5.97 -14.15
CA GLU B 127 -25.07 4.84 -13.84
CA GLU B 127 -25.06 4.85 -13.81
C GLU B 127 -23.66 5.14 -14.33
N ALA B 128 -22.77 5.51 -13.43
CA ALA B 128 -21.41 5.89 -13.84
C ALA B 128 -20.62 4.74 -14.45
N ASN B 129 -21.01 3.50 -14.16
CA ASN B 129 -20.25 2.36 -14.68
C ASN B 129 -20.66 1.98 -16.09
N ILE B 130 -21.61 2.73 -16.64
CA ILE B 130 -22.12 2.46 -17.98
C ILE B 130 -21.63 3.57 -18.88
N TYR B 131 -21.10 3.22 -20.04
CA TYR B 131 -20.54 4.23 -20.92
C TYR B 131 -21.59 5.09 -21.59
N ASN B 132 -21.34 6.40 -21.59
CA ASN B 132 -21.95 7.31 -22.56
C ASN B 132 -20.94 8.38 -22.95
N TRP B 133 -21.18 9.09 -24.05
CA TRP B 133 -20.15 9.97 -24.62
C TRP B 133 -19.78 11.15 -23.70
N GLN B 134 -20.73 11.56 -22.87
CA GLN B 134 -20.49 12.67 -21.95
C GLN B 134 -19.49 12.36 -20.82
N ILE B 135 -19.14 11.08 -20.65
CA ILE B 135 -18.21 10.70 -19.59
C ILE B 135 -17.05 9.86 -20.16
N ARG B 136 -16.75 10.07 -21.42
CA ARG B 136 -15.75 9.28 -22.14
C ARG B 136 -14.36 9.32 -21.52
N PRO B 137 -13.86 10.50 -21.10
CA PRO B 137 -12.48 10.48 -20.58
C PRO B 137 -12.32 9.66 -19.29
N LEU B 138 -13.23 9.83 -18.34
CA LEU B 138 -13.20 9.03 -17.12
C LEU B 138 -13.37 7.56 -17.45
N SER B 139 -14.24 7.28 -18.42
CA SER B 139 -14.49 5.88 -18.79
C SER B 139 -13.24 5.20 -19.36
N ASN B 140 -12.48 5.93 -20.19
CA ASN B 140 -11.21 5.40 -20.66
C ASN B 140 -10.29 5.05 -19.51
N ILE B 141 -10.28 5.94 -18.53
CA ILE B 141 -9.37 5.79 -17.41
C ILE B 141 -9.77 4.59 -16.53
N ALA B 142 -11.07 4.43 -16.31
CA ALA B 142 -11.61 3.44 -15.40
C ALA B 142 -12.03 2.13 -16.07
N ASN B 143 -11.74 2.00 -17.36
CA ASN B 143 -12.12 0.80 -18.12
C ASN B 143 -11.48 -0.44 -17.47
N TRP B 144 -12.29 -1.31 -16.88
CA TRP B 144 -11.72 -2.45 -16.17
C TRP B 144 -11.04 -3.41 -17.14
N GLN B 145 -11.37 -3.27 -18.42
CA GLN B 145 -10.87 -4.18 -19.45
CA GLN B 145 -10.88 -4.16 -19.46
C GLN B 145 -9.55 -3.68 -20.02
N ASN B 146 -9.19 -2.44 -19.74
CA ASN B 146 -7.92 -1.98 -20.22
C ASN B 146 -6.85 -1.81 -19.14
N LEU B 147 -5.73 -2.50 -19.30
CA LEU B 147 -4.70 -2.45 -18.29
C LEU B 147 -3.41 -1.76 -18.75
N LYS B 148 -3.42 -1.22 -19.96
CA LYS B 148 -2.21 -0.58 -20.51
C LYS B 148 -2.47 0.85 -20.92
N VAL B 149 -1.51 1.72 -20.62
CA VAL B 149 -1.62 3.14 -20.94
C VAL B 149 -0.24 3.68 -21.30
N GLY B 150 -0.18 4.68 -22.18
CA GLY B 150 1.02 5.47 -22.40
C GLY B 150 0.63 6.89 -22.75
N CYS B 151 1.30 7.87 -22.12
CA CYS B 151 0.91 9.26 -22.26
C CYS B 151 2.14 10.07 -22.61
N ALA B 152 1.93 11.19 -23.30
CA ALA B 152 3.02 12.12 -23.61
C ALA B 152 2.56 13.55 -23.37
N HIS B 153 3.51 14.47 -23.23
CA HIS B 153 3.16 15.86 -23.00
C HIS B 153 4.08 16.73 -23.81
N LYS B 154 3.60 17.94 -24.09
CA LYS B 154 4.37 18.91 -24.85
C LYS B 154 3.81 20.31 -24.67
N VAL B 155 4.71 21.28 -24.55
CA VAL B 155 4.33 22.68 -24.59
C VAL B 155 4.19 23.01 -26.06
N CYS B 156 2.97 23.29 -26.51
CA CYS B 156 2.72 23.64 -27.91
C CYS B 156 2.43 25.12 -28.10
N LYS B 157 3.09 25.72 -29.09
CA LYS B 157 2.80 27.09 -29.44
C LYS B 157 1.76 27.08 -30.57
N PHE B 158 0.50 26.97 -30.21
CA PHE B 158 -0.56 27.02 -31.21
C PHE B 158 -0.75 28.45 -31.69
N PRO B 159 -1.45 28.62 -32.82
CA PRO B 159 -1.82 29.97 -33.27
C PRO B 159 -2.73 30.68 -32.26
N THR B 160 -3.51 29.90 -31.50
CA THR B 160 -4.38 30.44 -30.45
C THR B 160 -3.63 30.73 -29.15
N GLY B 161 -2.36 30.33 -29.10
CA GLY B 161 -1.52 30.61 -27.94
C GLY B 161 -0.80 29.37 -27.43
N THR B 162 0.14 29.59 -26.51
CA THR B 162 0.91 28.47 -25.97
C THR B 162 0.24 27.73 -24.80
N ASN B 163 0.14 26.41 -24.91
CA ASN B 163 -0.46 25.55 -23.89
C ASN B 163 0.36 24.32 -23.61
N MET B 164 0.11 23.71 -22.45
CA MET B 164 0.58 22.37 -22.19
C MET B 164 -0.44 21.40 -22.76
N VAL B 165 0.04 20.41 -23.51
CA VAL B 165 -0.83 19.39 -24.08
C VAL B 165 -0.42 18.03 -23.54
N VAL B 166 -1.42 17.26 -23.12
CA VAL B 166 -1.21 15.90 -22.66
C VAL B 166 -2.12 14.94 -23.42
N SER B 167 -1.55 13.85 -23.91
CA SER B 167 -2.35 12.82 -24.59
C SER B 167 -2.04 11.49 -23.94
N CYS B 168 -3.07 10.72 -23.67
CA CYS B 168 -2.91 9.36 -23.19
C CYS B 168 -3.61 8.45 -24.17
N ALA B 169 -2.90 7.40 -24.59
CA ALA B 169 -3.49 6.39 -25.46
C ALA B 169 -3.66 5.12 -24.64
N TYR B 170 -4.76 4.39 -24.88
CA TYR B 170 -5.10 3.24 -24.06
C TYR B 170 -5.07 1.94 -24.88
N GLY B 171 -4.81 0.82 -24.22
CA GLY B 171 -4.88 -0.46 -24.92
C GLY B 171 -6.32 -0.77 -25.26
N GLY B 172 -6.54 -1.68 -26.19
CA GLY B 172 -7.88 -2.17 -26.44
C GLY B 172 -8.77 -1.32 -27.32
N GLU B 173 -10.08 -1.49 -27.13
CA GLU B 173 -11.07 -0.98 -28.06
C GLU B 173 -11.72 0.32 -27.59
N VAL B 174 -12.15 1.13 -28.54
CA VAL B 174 -12.90 2.33 -28.22
C VAL B 174 -14.23 1.89 -27.60
N LEU B 175 -14.61 2.48 -26.47
CA LEU B 175 -15.86 2.11 -25.81
C LEU B 175 -17.03 2.57 -26.65
N GLN B 176 -18.09 1.75 -26.70
CA GLN B 176 -19.30 2.15 -27.40
C GLN B 176 -20.46 2.34 -26.42
N ASP B 177 -21.53 2.98 -26.90
CA ASP B 177 -22.72 3.27 -26.09
C ASP B 177 -23.20 2.11 -25.26
N ASN B 178 -23.41 2.38 -23.97
CA ASN B 178 -23.98 1.44 -23.02
C ASN B 178 -23.10 0.23 -22.69
N GLU B 179 -21.81 0.31 -22.97
CA GLU B 179 -20.89 -0.74 -22.56
C GLU B 179 -20.64 -0.63 -21.06
N VAL B 180 -20.43 -1.77 -20.42
CA VAL B 180 -20.02 -1.77 -19.02
C VAL B 180 -18.57 -1.32 -18.97
N VAL B 181 -18.34 -0.19 -18.32
CA VAL B 181 -17.00 0.36 -18.13
C VAL B 181 -16.29 -0.34 -16.98
N TRP B 182 -17.00 -0.53 -15.87
CA TRP B 182 -16.49 -1.34 -14.77
C TRP B 182 -17.63 -2.05 -14.03
N ASP B 183 -17.28 -3.11 -13.30
CA ASP B 183 -18.28 -3.96 -12.65
C ASP B 183 -18.51 -3.61 -11.19
N LYS B 184 -19.76 -3.29 -10.85
CA LYS B 184 -20.08 -3.02 -9.45
C LYS B 184 -19.82 -4.26 -8.61
N GLY B 185 -19.16 -4.07 -7.48
CA GLY B 185 -18.87 -5.16 -6.56
C GLY B 185 -17.92 -4.70 -5.48
N PRO B 186 -17.61 -5.61 -4.55
CA PRO B 186 -16.81 -5.28 -3.37
C PRO B 186 -15.37 -4.92 -3.71
N THR B 187 -14.85 -3.91 -3.03
CA THR B 187 -13.44 -3.58 -3.15
C THR B 187 -12.61 -4.82 -2.83
N CYS B 188 -11.52 -4.99 -3.57
CA CYS B 188 -10.59 -6.09 -3.37
C CYS B 188 -11.16 -7.47 -3.66
N MET B 189 -12.29 -7.52 -4.35
CA MET B 189 -12.69 -8.78 -4.97
C MET B 189 -11.98 -8.90 -6.31
N CYS B 190 -11.00 -9.79 -6.37
CA CYS B 190 -10.12 -9.92 -7.52
C CYS B 190 -10.04 -11.39 -7.94
N ASN B 191 -10.86 -11.79 -8.91
CA ASN B 191 -10.89 -13.17 -9.38
C ASN B 191 -10.93 -13.31 -10.91
N ALA B 192 -10.81 -12.19 -11.62
CA ALA B 192 -10.86 -12.23 -13.08
C ALA B 192 -9.61 -12.84 -13.70
N TYR B 193 -8.51 -12.84 -12.93
CA TYR B 193 -7.21 -13.33 -13.42
C TYR B 193 -6.53 -14.30 -12.46
N PRO B 194 -5.69 -15.20 -12.99
CA PRO B 194 -5.01 -16.14 -12.08
C PRO B 194 -4.08 -15.44 -11.10
N ASN B 195 -3.95 -16.01 -9.90
CA ASN B 195 -3.01 -15.51 -8.90
C ASN B 195 -3.15 -14.00 -8.63
N SER B 196 -4.35 -13.59 -8.27
CA SER B 196 -4.60 -12.17 -8.01
C SER B 196 -4.43 -11.79 -6.56
N PHE B 197 -4.03 -10.56 -6.32
CA PHE B 197 -3.98 -10.04 -4.96
C PHE B 197 -4.52 -8.64 -4.97
N CYS B 198 -4.71 -8.05 -3.80
CA CYS B 198 -5.16 -6.67 -3.72
C CYS B 198 -4.21 -5.86 -2.86
N CYS B 199 -3.84 -4.68 -3.36
CA CYS B 199 -2.96 -3.79 -2.60
C CYS B 199 -3.44 -2.34 -2.78
N ASN B 200 -3.59 -1.64 -1.65
CA ASN B 200 -4.11 -0.27 -1.66
C ASN B 200 -5.37 -0.12 -2.51
N ASN B 201 -6.33 -1.00 -2.23
CA ASN B 201 -7.64 -1.04 -2.91
C ASN B 201 -7.63 -1.32 -4.42
N LEU B 202 -6.52 -1.84 -4.95
CA LEU B 202 -6.43 -2.08 -6.39
C LEU B 202 -6.01 -3.52 -6.66
N CYS B 203 -6.71 -4.23 -7.54
CA CYS B 203 -6.33 -5.60 -7.83
C CYS B 203 -5.04 -5.63 -8.63
N ASP B 204 -4.32 -6.75 -8.54
CA ASP B 204 -3.11 -6.92 -9.32
C ASP B 204 -2.89 -8.43 -9.43
N THR B 205 -1.93 -8.84 -10.23
CA THR B 205 -1.60 -10.26 -10.35
C THR B 205 -0.10 -10.46 -10.15
N ILE B 206 0.25 -11.67 -9.75
CA ILE B 206 1.66 -11.99 -9.61
C ILE B 206 2.38 -11.90 -10.94
N ALA B 207 1.74 -12.35 -12.02
CA ALA B 207 2.34 -12.26 -13.35
C ALA B 207 2.66 -10.82 -13.75
N ALA B 208 1.73 -9.90 -13.49
CA ALA B 208 1.93 -8.49 -13.82
C ALA B 208 3.04 -7.85 -12.98
N ALA B 209 3.04 -8.13 -11.68
CA ALA B 209 4.10 -7.67 -10.78
C ALA B 209 5.44 -8.23 -11.24
N THR B 210 5.49 -9.51 -11.60
CA THR B 210 6.75 -10.11 -12.03
C THR B 210 7.26 -9.44 -13.32
N LEU B 211 6.36 -9.21 -14.25
CA LEU B 211 6.70 -8.55 -15.50
C LEU B 211 7.20 -7.12 -15.28
N ARG B 212 6.49 -6.33 -14.47
CA ARG B 212 6.87 -4.92 -14.34
C ARG B 212 8.19 -4.73 -13.60
N ASN B 213 8.61 -5.75 -12.88
CA ASN B 213 9.82 -5.63 -12.10
C ASN B 213 11.06 -6.18 -12.81
N GLN B 214 10.90 -6.59 -14.07
CA GLN B 214 12.03 -7.04 -14.87
C GLN B 214 12.93 -5.86 -15.22
N PRO B 215 14.25 -6.09 -15.19
CA PRO B 215 15.14 -4.95 -15.48
C PRO B 215 15.02 -4.54 -16.93
N CYS B 216 15.27 -3.26 -17.21
CA CYS B 216 15.31 -2.77 -18.59
C CYS B 216 16.46 -3.45 -19.34
N LYS B 217 16.25 -3.73 -20.62
CA LYS B 217 17.27 -4.36 -21.45
C LYS B 217 17.42 -3.59 -22.75
S SO4 C . 23.44 7.68 14.75
O1 SO4 C . 23.79 7.73 13.32
O2 SO4 C . 22.44 6.65 14.97
O3 SO4 C . 24.65 7.40 15.52
O4 SO4 C . 22.89 8.97 15.17
C1 NAG D . 13.15 16.97 -25.71
C2 NAG D . 13.70 17.68 -26.95
C3 NAG D . 14.27 19.04 -26.59
C4 NAG D . 13.15 19.85 -25.97
C5 NAG D . 12.69 19.13 -24.71
C6 NAG D . 11.55 19.91 -24.05
C7 NAG D . 14.45 16.46 -28.89
C8 NAG D . 15.57 15.72 -29.57
N2 NAG D . 14.68 16.87 -27.64
O3 NAG D . 14.77 19.69 -27.74
O4 NAG D . 13.60 21.15 -25.67
O5 NAG D . 12.26 17.80 -24.98
O6 NAG D . 11.21 19.30 -22.82
O7 NAG D . 13.39 16.66 -29.47
#